data_3CAG
#
_entry.id   3CAG
#
_cell.length_a   57.745
_cell.length_b   75.648
_cell.length_c   108.022
_cell.angle_alpha   90.00
_cell.angle_beta   90.00
_cell.angle_gamma   90.00
#
_symmetry.space_group_name_H-M   'P 21 21 21'
#
loop_
_entity.id
_entity.type
_entity.pdbx_description
1 polymer 'Arginine repressor'
2 non-polymer ARGININE
3 water water
#
_entity_poly.entity_id   1
_entity_poly.type   'polypeptide(L)'
_entity_poly.pdbx_seq_one_letter_code
;GGTDRMARLLGELLVSTDDSGNLAVLRTPPGAAHYLASAIDRAALPQVVGTIAGDDTILVVAREPTTGAQLAGMFENLR
;
_entity_poly.pdbx_strand_id   A,B,C,D,E,F
#
# COMPACT_ATOMS: atom_id res chain seq x y z
N THR A 3 23.98 -10.80 1.91
CA THR A 3 23.69 -10.23 3.26
C THR A 3 23.15 -11.29 4.25
N ASP A 4 23.72 -11.31 5.44
CA ASP A 4 23.25 -12.22 6.47
C ASP A 4 21.96 -11.68 7.12
N ARG A 5 21.74 -10.37 7.02
CA ARG A 5 20.47 -9.80 7.46
C ARG A 5 19.29 -10.32 6.62
N MET A 6 19.48 -10.40 5.31
CA MET A 6 18.47 -10.97 4.42
C MET A 6 18.27 -12.46 4.78
N ALA A 7 19.39 -13.18 4.97
CA ALA A 7 19.31 -14.61 5.33
C ALA A 7 18.49 -14.85 6.61
N ARG A 8 18.66 -14.02 7.61
CA ARG A 8 17.86 -14.17 8.84
C ARG A 8 16.36 -13.91 8.62
N LEU A 9 16.01 -12.90 7.82
CA LEU A 9 14.59 -12.61 7.58
C LEU A 9 13.93 -13.62 6.68
N LEU A 10 14.70 -14.22 5.77
CA LEU A 10 14.20 -15.35 4.99
C LEU A 10 13.88 -16.52 5.93
N GLY A 11 14.82 -16.80 6.84
CA GLY A 11 14.58 -17.82 7.85
C GLY A 11 13.30 -17.57 8.59
N GLU A 12 13.09 -16.31 8.96
CA GLU A 12 11.92 -15.90 9.71
C GLU A 12 10.62 -15.84 8.91
N LEU A 13 10.68 -15.35 7.66
CA LEU A 13 9.44 -14.90 6.96
C LEU A 13 9.13 -15.60 5.65
N LEU A 14 10.08 -16.37 5.12
CA LEU A 14 9.82 -17.05 3.87
C LEU A 14 8.96 -18.29 4.11
N VAL A 15 7.73 -18.23 3.61
CA VAL A 15 6.78 -19.33 3.72
C VAL A 15 7.00 -20.36 2.59
N SER A 16 7.05 -19.89 1.34
CA SER A 16 7.35 -20.77 0.21
C SER A 16 7.95 -19.96 -0.94
N THR A 17 8.50 -20.69 -1.93
CA THR A 17 9.04 -20.09 -3.16
C THR A 17 8.46 -20.81 -4.36
N ASP A 18 8.43 -20.12 -5.49
CA ASP A 18 7.96 -20.67 -6.77
C ASP A 18 8.52 -19.75 -7.85
N ASP A 19 8.23 -20.05 -9.12
CA ASP A 19 8.85 -19.32 -10.22
C ASP A 19 8.05 -19.44 -11.49
N SER A 20 8.29 -18.49 -12.39
CA SER A 20 7.82 -18.58 -13.75
C SER A 20 8.69 -17.68 -14.60
N GLY A 21 9.33 -18.22 -15.62
CA GLY A 21 10.14 -17.37 -16.50
C GLY A 21 11.23 -16.66 -15.75
N ASN A 22 11.29 -15.34 -15.88
CA ASN A 22 12.34 -14.56 -15.23
C ASN A 22 11.97 -14.06 -13.83
N LEU A 23 10.96 -14.70 -13.22
CA LEU A 23 10.43 -14.27 -11.95
C LEU A 23 10.47 -15.34 -10.88
N ALA A 24 10.96 -14.96 -9.71
CA ALA A 24 10.80 -15.76 -8.50
C ALA A 24 9.64 -15.13 -7.72
N VAL A 25 8.75 -15.98 -7.21
CA VAL A 25 7.58 -15.55 -6.50
C VAL A 25 7.79 -16.02 -5.04
N LEU A 26 7.90 -15.08 -4.11
CA LEU A 26 8.12 -15.44 -2.70
C LEU A 26 6.85 -15.15 -1.90
N ARG A 27 6.49 -16.06 -0.98
CA ARG A 27 5.31 -15.88 -0.12
C ARG A 27 5.78 -15.68 1.31
N THR A 28 5.04 -14.82 2.02
CA THR A 28 5.33 -14.43 3.40
C THR A 28 3.99 -14.47 4.19
N PRO A 29 4.06 -14.37 5.54
CA PRO A 29 2.81 -14.21 6.27
C PRO A 29 2.14 -12.88 5.86
N PRO A 30 0.81 -12.76 6.03
CA PRO A 30 0.12 -11.49 5.74
C PRO A 30 0.81 -10.26 6.33
N GLY A 31 1.03 -9.26 5.46
CA GLY A 31 1.59 -7.99 5.88
C GLY A 31 3.11 -7.95 5.90
N ALA A 32 3.78 -9.08 5.75
CA ALA A 32 5.24 -9.14 5.92
C ALA A 32 6.09 -8.90 4.64
N ALA A 33 5.43 -8.87 3.48
CA ALA A 33 6.13 -8.82 2.19
C ALA A 33 7.05 -7.63 2.00
N HIS A 34 6.61 -6.43 2.38
CA HIS A 34 7.47 -5.23 2.25
C HIS A 34 8.73 -5.28 3.11
N TYR A 35 8.57 -5.80 4.33
CA TYR A 35 9.70 -5.93 5.26
C TYR A 35 10.79 -6.88 4.71
N LEU A 36 10.37 -8.06 4.28
CA LEU A 36 11.32 -9.00 3.69
C LEU A 36 11.95 -8.46 2.39
N ALA A 37 11.12 -7.89 1.51
CA ALA A 37 11.62 -7.32 0.22
C ALA A 37 12.65 -6.23 0.45
N SER A 38 12.45 -5.42 1.50
CA SER A 38 13.42 -4.39 1.87
C SER A 38 14.78 -5.02 2.14
N ALA A 39 14.81 -6.13 2.88
CA ALA A 39 16.10 -6.79 3.19
C ALA A 39 16.75 -7.37 1.93
N ILE A 40 15.94 -7.93 1.03
CA ILE A 40 16.42 -8.37 -0.28
C ILE A 40 17.03 -7.23 -1.09
N ASP A 41 16.31 -6.11 -1.18
CA ASP A 41 16.80 -4.92 -1.90
C ASP A 41 18.15 -4.50 -1.34
N ARG A 42 18.24 -4.44 -0.01
CA ARG A 42 19.48 -4.04 0.67
C ARG A 42 20.67 -5.00 0.48
N ALA A 43 20.38 -6.28 0.21
CA ALA A 43 21.42 -7.26 -0.04
C ALA A 43 22.11 -6.97 -1.38
N ALA A 44 21.41 -6.27 -2.26
CA ALA A 44 21.92 -5.86 -3.57
C ALA A 44 22.56 -7.05 -4.29
N LEU A 45 21.77 -8.10 -4.52
CA LEU A 45 22.22 -9.31 -5.19
C LEU A 45 22.48 -9.06 -6.67
N PRO A 46 23.64 -9.50 -7.16
CA PRO A 46 23.99 -9.25 -8.57
C PRO A 46 22.98 -9.81 -9.56
N GLN A 47 22.34 -10.95 -9.27
CA GLN A 47 21.42 -11.52 -10.25
C GLN A 47 19.95 -11.14 -10.03
N VAL A 48 19.73 -10.14 -9.17
CA VAL A 48 18.40 -9.56 -8.93
C VAL A 48 18.36 -8.15 -9.53
N VAL A 49 17.47 -7.96 -10.48
CA VAL A 49 17.21 -6.61 -11.04
C VAL A 49 16.39 -5.72 -10.10
N GLY A 50 15.38 -6.28 -9.44
CA GLY A 50 14.65 -5.49 -8.46
C GLY A 50 13.56 -6.33 -7.84
N THR A 51 12.88 -5.79 -6.83
CA THR A 51 11.69 -6.46 -6.24
C THR A 51 10.44 -5.55 -6.17
N ILE A 52 9.24 -6.11 -6.23
CA ILE A 52 8.03 -5.41 -5.78
C ILE A 52 7.31 -6.28 -4.76
N ALA A 53 6.92 -5.67 -3.64
CA ALA A 53 6.18 -6.34 -2.57
C ALA A 53 4.73 -5.98 -2.64
N GLY A 54 3.86 -6.98 -2.47
CA GLY A 54 2.41 -6.79 -2.29
C GLY A 54 2.19 -6.95 -0.78
N ASP A 55 1.16 -7.68 -0.39
CA ASP A 55 0.92 -7.85 1.06
C ASP A 55 1.57 -9.14 1.62
N ASP A 56 1.51 -10.21 0.84
CA ASP A 56 1.97 -11.54 1.27
C ASP A 56 2.79 -12.22 0.15
N THR A 57 3.08 -11.45 -0.89
CA THR A 57 3.80 -11.97 -2.07
C THR A 57 4.85 -10.96 -2.48
N ILE A 58 6.05 -11.45 -2.84
CA ILE A 58 7.05 -10.62 -3.46
C ILE A 58 7.38 -11.17 -4.85
N LEU A 59 7.45 -10.31 -5.85
CA LEU A 59 8.05 -10.67 -7.16
C LEU A 59 9.48 -10.21 -7.19
N VAL A 60 10.37 -11.15 -7.51
CA VAL A 60 11.80 -10.85 -7.61
C VAL A 60 12.23 -11.07 -9.06
N VAL A 61 12.78 -10.03 -9.70
CA VAL A 61 13.05 -10.09 -11.14
C VAL A 61 14.49 -10.57 -11.37
N ALA A 62 14.66 -11.62 -12.15
CA ALA A 62 15.99 -12.19 -12.43
C ALA A 62 16.68 -11.45 -13.54
N ARG A 63 17.96 -11.17 -13.32
CA ARG A 63 18.85 -10.57 -14.32
C ARG A 63 19.34 -11.60 -15.31
N GLU A 64 19.00 -11.40 -16.59
CA GLU A 64 19.42 -12.26 -17.71
C GLU A 64 20.92 -12.58 -17.57
N PRO A 65 21.32 -13.87 -17.78
CA PRO A 65 20.52 -15.02 -18.20
C PRO A 65 19.95 -15.86 -17.03
N THR A 66 20.17 -15.42 -15.78
CA THR A 66 19.60 -16.11 -14.60
C THR A 66 18.08 -16.24 -14.72
N THR A 67 17.55 -17.41 -14.37
CA THR A 67 16.12 -17.67 -14.40
C THR A 67 15.46 -17.48 -13.04
N GLY A 68 14.14 -17.32 -13.06
CA GLY A 68 13.33 -17.31 -11.85
C GLY A 68 13.56 -18.54 -10.99
N ALA A 69 13.64 -19.71 -11.63
CA ALA A 69 13.89 -20.99 -10.95
C ALA A 69 15.20 -20.96 -10.18
N GLN A 70 16.25 -20.42 -10.80
CA GLN A 70 17.54 -20.32 -10.14
C GLN A 70 17.48 -19.41 -8.93
N LEU A 71 16.75 -18.29 -9.05
CA LEU A 71 16.59 -17.38 -7.92
C LEU A 71 15.81 -18.05 -6.79
N ALA A 72 14.72 -18.74 -7.14
CA ALA A 72 13.87 -19.37 -6.12
C ALA A 72 14.69 -20.39 -5.37
N GLY A 73 15.52 -21.14 -6.08
CA GLY A 73 16.41 -22.14 -5.44
C GLY A 73 17.40 -21.50 -4.49
N MET A 74 17.96 -20.35 -4.88
CA MET A 74 18.87 -19.59 -4.03
C MET A 74 18.18 -19.13 -2.75
N PHE A 75 16.94 -18.63 -2.85
CA PHE A 75 16.20 -18.19 -1.69
C PHE A 75 15.83 -19.36 -0.77
N GLU A 76 15.40 -20.47 -1.37
CA GLU A 76 15.22 -21.73 -0.62
C GLU A 76 16.45 -22.14 0.21
N ASN A 77 17.63 -22.06 -0.39
CA ASN A 77 18.86 -22.46 0.27
C ASN A 77 19.17 -21.65 1.53
N LEU A 78 19.38 -20.34 1.34
CA LEU A 78 19.62 -19.36 2.42
C LEU A 78 18.73 -19.51 3.66
N ARG A 79 17.45 -19.81 3.42
CA ARG A 79 16.41 -20.01 4.46
C ARG A 79 16.92 -20.84 5.68
N GLY B 1 -15.71 -21.86 -0.80
CA GLY B 1 -16.31 -21.57 -2.15
C GLY B 1 -15.46 -20.63 -3.02
N GLY B 2 -14.15 -20.73 -2.86
CA GLY B 2 -13.15 -19.84 -3.47
C GLY B 2 -13.31 -19.51 -4.96
N THR B 3 -13.42 -20.52 -5.83
CA THR B 3 -13.55 -20.22 -7.26
C THR B 3 -14.87 -19.47 -7.58
N ASP B 4 -15.94 -19.87 -6.91
CA ASP B 4 -17.24 -19.19 -7.03
C ASP B 4 -17.24 -17.72 -6.58
N ARG B 5 -16.58 -17.45 -5.46
CA ARG B 5 -16.45 -16.08 -4.98
C ARG B 5 -15.58 -15.26 -5.95
N MET B 6 -14.51 -15.88 -6.44
CA MET B 6 -13.63 -15.25 -7.40
C MET B 6 -14.39 -14.84 -8.65
N ALA B 7 -15.16 -15.76 -9.25
CA ALA B 7 -15.99 -15.43 -10.43
C ALA B 7 -16.93 -14.24 -10.18
N ARG B 8 -17.60 -14.23 -9.02
CA ARG B 8 -18.50 -13.11 -8.68
C ARG B 8 -17.75 -11.77 -8.59
N LEU B 9 -16.58 -11.80 -7.94
CA LEU B 9 -15.78 -10.56 -7.82
C LEU B 9 -15.16 -10.08 -9.15
N LEU B 10 -14.82 -11.02 -10.03
CA LEU B 10 -14.37 -10.64 -11.38
C LEU B 10 -15.46 -9.89 -12.14
N GLY B 11 -16.70 -10.41 -12.08
CA GLY B 11 -17.86 -9.71 -12.64
C GLY B 11 -18.01 -8.29 -12.11
N GLU B 12 -17.82 -8.12 -10.80
CA GLU B 12 -17.93 -6.80 -10.15
C GLU B 12 -16.74 -5.85 -10.38
N LEU B 13 -15.53 -6.38 -10.40
CA LEU B 13 -14.32 -5.55 -10.27
C LEU B 13 -13.37 -5.53 -11.47
N LEU B 14 -13.57 -6.44 -12.41
CA LEU B 14 -12.62 -6.52 -13.51
C LEU B 14 -13.01 -5.55 -14.60
N VAL B 15 -12.17 -4.53 -14.79
CA VAL B 15 -12.42 -3.49 -15.80
C VAL B 15 -11.88 -3.91 -17.20
N SER B 16 -10.73 -4.59 -17.22
CA SER B 16 -10.12 -5.04 -18.48
C SER B 16 -9.04 -6.07 -18.18
N THR B 17 -8.69 -6.83 -19.19
CA THR B 17 -7.62 -7.79 -19.05
C THR B 17 -6.63 -7.56 -20.17
N ASP B 18 -5.39 -7.98 -19.96
CA ASP B 18 -4.36 -7.88 -21.00
C ASP B 18 -3.23 -8.84 -20.62
N ASP B 19 -2.19 -8.96 -21.43
CA ASP B 19 -1.10 -9.90 -21.11
C ASP B 19 0.23 -9.51 -21.71
N SER B 20 1.30 -10.11 -21.18
CA SER B 20 2.60 -10.02 -21.80
C SER B 20 3.46 -11.16 -21.26
N GLY B 21 3.97 -12.02 -22.16
CA GLY B 21 4.86 -13.10 -21.73
C GLY B 21 4.04 -13.96 -20.76
N ASN B 22 4.61 -14.23 -19.58
CA ASN B 22 3.99 -15.12 -18.58
C ASN B 22 2.98 -14.40 -17.65
N LEU B 23 2.66 -13.15 -17.96
CA LEU B 23 1.80 -12.35 -17.08
C LEU B 23 0.45 -12.02 -17.67
N ALA B 24 -0.55 -12.21 -16.82
CA ALA B 24 -1.84 -11.61 -17.06
C ALA B 24 -1.96 -10.29 -16.27
N VAL B 25 -2.43 -9.25 -16.95
CA VAL B 25 -2.49 -7.95 -16.30
C VAL B 25 -3.96 -7.64 -16.19
N LEU B 26 -4.44 -7.54 -14.96
CA LEU B 26 -5.85 -7.29 -14.68
C LEU B 26 -6.03 -5.86 -14.21
N ARG B 27 -7.02 -5.15 -14.73
CA ARG B 27 -7.28 -3.77 -14.29
C ARG B 27 -8.55 -3.69 -13.50
N THR B 28 -8.54 -2.90 -12.42
CA THR B 28 -9.73 -2.79 -11.54
C THR B 28 -10.07 -1.30 -11.35
N PRO B 29 -11.22 -0.98 -10.69
CA PRO B 29 -11.42 0.41 -10.27
C PRO B 29 -10.37 0.77 -9.21
N PRO B 30 -10.09 2.08 -9.05
CA PRO B 30 -9.10 2.53 -8.05
C PRO B 30 -9.31 1.95 -6.64
N GLY B 31 -8.27 1.35 -6.08
CA GLY B 31 -8.34 0.78 -4.73
C GLY B 31 -8.76 -0.67 -4.67
N ALA B 32 -9.32 -1.24 -5.75
CA ALA B 32 -9.96 -2.58 -5.67
C ALA B 32 -9.03 -3.79 -5.92
N ALA B 33 -7.77 -3.52 -6.29
CA ALA B 33 -6.87 -4.56 -6.77
C ALA B 33 -6.51 -5.54 -5.68
N HIS B 34 -6.24 -5.06 -4.46
CA HIS B 34 -5.94 -6.00 -3.35
C HIS B 34 -7.09 -6.94 -3.03
N TYR B 35 -8.33 -6.43 -3.09
CA TYR B 35 -9.50 -7.27 -2.77
C TYR B 35 -9.75 -8.35 -3.84
N LEU B 36 -9.70 -7.95 -5.10
CA LEU B 36 -9.80 -8.93 -6.17
C LEU B 36 -8.62 -9.91 -6.13
N ALA B 37 -7.40 -9.41 -5.93
CA ALA B 37 -6.26 -10.32 -5.90
C ALA B 37 -6.39 -11.31 -4.76
N SER B 38 -6.97 -10.88 -3.64
CA SER B 38 -7.21 -11.81 -2.52
C SER B 38 -8.11 -12.99 -2.92
N ALA B 39 -9.19 -12.70 -3.65
CA ALA B 39 -10.14 -13.71 -4.16
C ALA B 39 -9.47 -14.71 -5.10
N ILE B 40 -8.58 -14.20 -5.96
CA ILE B 40 -7.79 -15.06 -6.87
C ILE B 40 -6.84 -16.01 -6.12
N ASP B 41 -6.13 -15.44 -5.14
CA ASP B 41 -5.23 -16.22 -4.29
C ASP B 41 -5.99 -17.36 -3.61
N ARG B 42 -7.17 -17.03 -3.09
CA ARG B 42 -7.94 -17.98 -2.30
C ARG B 42 -8.60 -19.04 -3.17
N ALA B 43 -8.87 -18.70 -4.44
CA ALA B 43 -9.31 -19.72 -5.42
C ALA B 43 -8.29 -20.83 -5.67
N ALA B 44 -6.99 -20.53 -5.49
CA ALA B 44 -5.89 -21.50 -5.64
C ALA B 44 -5.90 -22.23 -6.98
N LEU B 45 -5.90 -21.46 -8.06
CA LEU B 45 -5.98 -22.02 -9.40
C LEU B 45 -4.71 -22.78 -9.80
N PRO B 46 -4.87 -23.95 -10.45
CA PRO B 46 -3.70 -24.74 -10.80
C PRO B 46 -2.78 -24.04 -11.81
N GLN B 47 -3.34 -23.15 -12.64
CA GLN B 47 -2.52 -22.39 -13.63
C GLN B 47 -1.96 -21.04 -13.13
N VAL B 48 -2.13 -20.75 -11.85
CA VAL B 48 -1.62 -19.48 -11.27
C VAL B 48 -0.52 -19.73 -10.23
N VAL B 49 0.66 -19.14 -10.44
CA VAL B 49 1.75 -19.22 -9.47
C VAL B 49 1.51 -18.27 -8.27
N GLY B 50 1.03 -17.07 -8.57
CA GLY B 50 0.80 -16.07 -7.52
C GLY B 50 0.29 -14.77 -8.14
N THR B 51 -0.04 -13.82 -7.26
CA THR B 51 -0.52 -12.52 -7.67
C THR B 51 0.24 -11.46 -6.90
N ILE B 52 0.37 -10.29 -7.51
CA ILE B 52 0.77 -9.10 -6.77
C ILE B 52 -0.21 -7.98 -7.14
N ALA B 53 -0.77 -7.29 -6.14
CA ALA B 53 -1.75 -6.24 -6.37
C ALA B 53 -1.12 -4.87 -6.11
N GLY B 54 -1.36 -3.93 -7.01
CA GLY B 54 -1.06 -2.52 -6.74
C GLY B 54 -2.33 -1.84 -6.27
N ASP B 55 -2.64 -0.68 -6.84
CA ASP B 55 -3.86 0.02 -6.50
C ASP B 55 -4.99 -0.36 -7.43
N ASP B 56 -4.70 -0.38 -8.74
CA ASP B 56 -5.76 -0.59 -9.73
C ASP B 56 -5.38 -1.63 -10.78
N THR B 57 -4.27 -2.34 -10.51
CA THR B 57 -3.70 -3.34 -11.41
C THR B 57 -3.26 -4.56 -10.61
N ILE B 58 -3.51 -5.76 -11.13
CA ILE B 58 -2.96 -6.99 -10.55
C ILE B 58 -2.11 -7.67 -11.59
N LEU B 59 -0.94 -8.16 -11.19
CA LEU B 59 -0.13 -9.03 -12.06
C LEU B 59 -0.37 -10.45 -11.59
N VAL B 60 -0.83 -11.29 -12.51
CA VAL B 60 -1.09 -12.68 -12.19
C VAL B 60 -0.05 -13.51 -12.97
N VAL B 61 0.75 -14.26 -12.24
CA VAL B 61 1.86 -14.99 -12.82
C VAL B 61 1.36 -16.39 -13.22
N ALA B 62 1.48 -16.69 -14.53
CA ALA B 62 0.98 -17.95 -15.09
C ALA B 62 1.97 -19.05 -14.81
N ARG B 63 1.43 -20.24 -14.50
CA ARG B 63 2.29 -21.39 -14.30
C ARG B 63 2.53 -22.04 -15.64
N GLU B 64 3.77 -22.30 -15.98
CA GLU B 64 4.06 -22.97 -17.24
C GLU B 64 3.30 -24.33 -17.31
N PRO B 65 2.76 -24.70 -18.50
CA PRO B 65 2.88 -24.11 -19.85
C PRO B 65 1.85 -23.05 -20.21
N THR B 66 0.99 -22.63 -19.27
CA THR B 66 -0.04 -21.65 -19.55
C THR B 66 0.65 -20.29 -19.77
N THR B 67 0.30 -19.58 -20.84
CA THR B 67 0.91 -18.27 -21.10
C THR B 67 0.08 -17.17 -20.42
N GLY B 68 0.66 -15.98 -20.27
CA GLY B 68 -0.12 -14.83 -19.81
C GLY B 68 -1.38 -14.61 -20.63
N ALA B 69 -1.31 -14.79 -21.96
CA ALA B 69 -2.50 -14.63 -22.80
C ALA B 69 -3.57 -15.69 -22.48
N GLN B 70 -3.14 -16.92 -22.22
CA GLN B 70 -4.14 -17.98 -21.98
C GLN B 70 -4.76 -17.78 -20.62
N LEU B 71 -3.98 -17.25 -19.69
CA LEU B 71 -4.52 -16.89 -18.37
C LEU B 71 -5.50 -15.73 -18.44
N ALA B 72 -5.13 -14.66 -19.14
CA ALA B 72 -5.96 -13.47 -19.28
C ALA B 72 -7.27 -13.80 -19.98
N GLY B 73 -7.21 -14.72 -20.96
CA GLY B 73 -8.43 -15.17 -21.68
C GLY B 73 -9.41 -15.80 -20.70
N MET B 74 -8.89 -16.65 -19.80
CA MET B 74 -9.68 -17.30 -18.75
C MET B 74 -10.41 -16.26 -17.89
N PHE B 75 -9.68 -15.25 -17.41
CA PHE B 75 -10.26 -14.17 -16.62
C PHE B 75 -11.26 -13.35 -17.42
N GLU B 76 -10.91 -13.04 -18.67
CA GLU B 76 -11.77 -12.26 -19.55
C GLU B 76 -13.17 -12.90 -19.74
N ASN B 77 -13.19 -14.23 -19.81
CA ASN B 77 -14.44 -14.99 -19.96
C ASN B 77 -15.37 -14.86 -18.75
N LEU B 78 -14.82 -14.42 -17.61
CA LEU B 78 -15.61 -14.22 -16.38
C LEU B 78 -16.01 -12.75 -16.15
N ARG B 79 -15.55 -11.86 -17.03
CA ARG B 79 -15.79 -10.43 -16.91
C ARG B 79 -17.31 -10.09 -16.95
N GLY C 1 -0.01 17.75 -21.76
CA GLY C 1 -0.77 16.47 -21.62
C GLY C 1 -0.05 15.44 -20.77
N GLY C 2 -0.59 14.21 -20.76
CA GLY C 2 -0.10 13.15 -19.88
C GLY C 2 1.36 12.77 -20.14
N THR C 3 1.75 12.66 -21.41
CA THR C 3 3.17 12.37 -21.72
C THR C 3 4.12 13.48 -21.20
N ASP C 4 3.77 14.74 -21.44
CA ASP C 4 4.56 15.87 -20.92
C ASP C 4 4.71 15.88 -19.38
N ARG C 5 3.59 15.64 -18.69
CA ARG C 5 3.60 15.57 -17.24
C ARG C 5 4.46 14.40 -16.75
N MET C 6 4.35 13.27 -17.44
CA MET C 6 5.13 12.07 -17.13
C MET C 6 6.63 12.40 -17.28
N ALA C 7 6.99 13.04 -18.41
CA ALA C 7 8.39 13.35 -18.65
C ALA C 7 8.95 14.26 -17.56
N ARG C 8 8.16 15.24 -17.12
CA ARG C 8 8.62 16.10 -16.05
C ARG C 8 8.86 15.32 -14.73
N LEU C 9 7.98 14.35 -14.45
CA LEU C 9 8.12 13.58 -13.22
C LEU C 9 9.23 12.56 -13.27
N LEU C 10 9.53 12.07 -14.47
CA LEU C 10 10.69 11.16 -14.65
C LEU C 10 11.97 11.88 -14.24
N GLY C 11 12.07 13.15 -14.64
CA GLY C 11 13.24 13.96 -14.31
C GLY C 11 13.40 14.10 -12.81
N GLU C 12 12.30 14.23 -12.11
CA GLU C 12 12.28 14.44 -10.66
C GLU C 12 12.38 13.14 -9.83
N LEU C 13 11.78 12.06 -10.34
CA LEU C 13 11.53 10.84 -9.53
C LEU C 13 12.26 9.57 -10.00
N LEU C 14 12.81 9.59 -11.20
CA LEU C 14 13.48 8.41 -11.71
C LEU C 14 14.95 8.37 -11.29
N VAL C 15 15.26 7.52 -10.31
CA VAL C 15 16.63 7.32 -9.83
C VAL C 15 17.47 6.46 -10.81
N SER C 16 16.90 5.35 -11.25
CA SER C 16 17.56 4.47 -12.21
C SER C 16 16.56 3.59 -12.95
N THR C 17 17.06 2.96 -14.01
CA THR C 17 16.27 2.01 -14.77
C THR C 17 17.08 0.73 -15.05
N ASP C 18 16.35 -0.35 -15.27
CA ASP C 18 16.94 -1.63 -15.59
C ASP C 18 15.83 -2.44 -16.23
N ASP C 19 16.14 -3.67 -16.66
CA ASP C 19 15.18 -4.44 -17.45
C ASP C 19 15.46 -5.92 -17.33
N SER C 20 14.46 -6.72 -17.68
CA SER C 20 14.62 -8.17 -17.82
C SER C 20 13.48 -8.69 -18.65
N GLY C 21 13.79 -9.25 -19.82
CA GLY C 21 12.72 -9.76 -20.70
C GLY C 21 11.71 -8.68 -21.04
N ASN C 22 10.43 -8.97 -20.82
CA ASN C 22 9.34 -8.02 -21.05
C ASN C 22 9.15 -6.93 -19.98
N LEU C 23 10.07 -6.83 -19.04
CA LEU C 23 9.87 -5.94 -17.89
C LEU C 23 10.90 -4.83 -17.83
N ALA C 24 10.43 -3.61 -17.56
CA ALA C 24 11.32 -2.52 -17.19
C ALA C 24 11.08 -2.30 -15.71
N VAL C 25 12.17 -2.08 -14.99
CA VAL C 25 12.18 -1.90 -13.53
C VAL C 25 12.71 -0.48 -13.27
N LEU C 26 11.82 0.38 -12.77
CA LEU C 26 12.16 1.76 -12.50
C LEU C 26 12.29 1.92 -10.98
N ARG C 27 13.36 2.59 -10.56
CA ARG C 27 13.57 2.87 -9.13
C ARG C 27 13.31 4.35 -8.87
N THR C 28 12.69 4.64 -7.74
CA THR C 28 12.35 6.02 -7.33
C THR C 28 12.82 6.26 -5.89
N PRO C 29 12.77 7.53 -5.41
CA PRO C 29 13.03 7.70 -3.97
C PRO C 29 11.95 6.95 -3.16
N PRO C 30 12.20 6.68 -1.86
CA PRO C 30 11.21 5.96 -1.05
C PRO C 30 9.85 6.66 -1.05
N GLY C 31 8.81 5.85 -1.24
CA GLY C 31 7.45 6.33 -1.22
C GLY C 31 6.95 6.91 -2.55
N ALA C 32 7.84 7.14 -3.50
CA ALA C 32 7.47 7.83 -4.77
C ALA C 32 6.96 6.93 -5.92
N ALA C 33 7.04 5.62 -5.75
CA ALA C 33 6.68 4.71 -6.84
C ALA C 33 5.23 4.87 -7.29
N HIS C 34 4.29 4.97 -6.34
CA HIS C 34 2.87 5.11 -6.71
C HIS C 34 2.56 6.37 -7.49
N TYR C 35 3.29 7.44 -7.17
CA TYR C 35 2.99 8.70 -7.84
C TYR C 35 3.54 8.71 -9.29
N LEU C 36 4.79 8.27 -9.45
CA LEU C 36 5.37 8.15 -10.81
C LEU C 36 4.60 7.12 -11.64
N ALA C 37 4.23 5.98 -11.04
CA ALA C 37 3.44 5.00 -11.81
C ALA C 37 2.09 5.57 -12.28
N SER C 38 1.42 6.33 -11.43
CA SER C 38 0.18 6.99 -11.80
C SER C 38 0.36 7.86 -13.08
N ALA C 39 1.48 8.57 -13.15
CA ALA C 39 1.77 9.50 -14.26
C ALA C 39 2.01 8.68 -15.52
N ILE C 40 2.72 7.56 -15.36
CA ILE C 40 2.94 6.65 -16.48
C ILE C 40 1.61 6.07 -16.98
N ASP C 41 0.77 5.58 -16.07
CA ASP C 41 -0.55 5.06 -16.46
C ASP C 41 -1.37 6.11 -17.19
N ARG C 42 -1.38 7.33 -16.68
CA ARG C 42 -2.20 8.39 -17.30
C ARG C 42 -1.73 8.79 -18.69
N ALA C 43 -0.44 8.60 -18.95
CA ALA C 43 0.16 8.89 -20.25
C ALA C 43 -0.32 7.89 -21.30
N ALA C 44 -0.81 6.73 -20.85
CA ALA C 44 -1.42 5.70 -21.72
C ALA C 44 -0.52 5.36 -22.91
N LEU C 45 0.74 5.06 -22.63
CA LEU C 45 1.70 4.66 -23.67
C LEU C 45 1.34 3.34 -24.37
N PRO C 46 1.33 3.35 -25.73
CA PRO C 46 1.05 2.11 -26.45
C PRO C 46 2.05 0.98 -26.16
N GLN C 47 3.28 1.33 -25.76
CA GLN C 47 4.30 0.35 -25.38
C GLN C 47 4.06 -0.34 -24.03
N VAL C 48 3.09 0.15 -23.26
CA VAL C 48 2.93 -0.28 -21.83
C VAL C 48 1.58 -0.93 -21.62
N VAL C 49 1.61 -2.21 -21.24
CA VAL C 49 0.40 -2.96 -20.89
C VAL C 49 -0.12 -2.44 -19.56
N GLY C 50 0.79 -2.30 -18.60
CA GLY C 50 0.39 -1.83 -17.29
C GLY C 50 1.57 -1.67 -16.35
N THR C 51 1.28 -1.11 -15.19
CA THR C 51 2.29 -0.93 -14.14
C THR C 51 1.81 -1.43 -12.78
N ILE C 52 2.74 -1.90 -11.96
CA ILE C 52 2.48 -2.02 -10.51
C ILE C 52 3.56 -1.27 -9.77
N ALA C 53 3.14 -0.43 -8.82
CA ALA C 53 4.08 0.31 -7.99
C ALA C 53 4.19 -0.39 -6.64
N GLY C 54 5.42 -0.54 -6.16
CA GLY C 54 5.67 -0.93 -4.77
C GLY C 54 5.93 0.35 -4.01
N ASP C 55 7.01 0.41 -3.24
CA ASP C 55 7.32 1.61 -2.50
C ASP C 55 8.36 2.47 -3.21
N ASP C 56 9.40 1.83 -3.72
CA ASP C 56 10.50 2.51 -4.41
C ASP C 56 10.82 1.89 -5.74
N THR C 57 9.96 0.97 -6.18
CA THR C 57 10.17 0.25 -7.42
C THR C 57 8.84 0.17 -8.18
N ILE C 58 8.89 0.35 -9.49
CA ILE C 58 7.74 0.16 -10.34
C ILE C 58 8.12 -0.90 -11.36
N LEU C 59 7.26 -1.89 -11.55
CA LEU C 59 7.43 -2.85 -12.63
C LEU C 59 6.56 -2.37 -13.77
N VAL C 60 7.17 -2.09 -14.92
CA VAL C 60 6.46 -1.64 -16.10
C VAL C 60 6.43 -2.80 -17.09
N VAL C 61 5.23 -3.21 -17.48
CA VAL C 61 5.10 -4.39 -18.29
C VAL C 61 4.97 -3.97 -19.75
N ALA C 62 5.90 -4.45 -20.58
CA ALA C 62 5.97 -4.05 -22.01
C ALA C 62 4.94 -4.78 -22.88
N ARG C 63 4.32 -4.05 -23.81
CA ARG C 63 3.40 -4.64 -24.78
C ARG C 63 4.24 -5.19 -25.94
N GLU C 64 4.15 -6.51 -26.17
CA GLU C 64 4.97 -7.18 -27.15
C GLU C 64 4.67 -6.53 -28.53
N PRO C 65 5.69 -6.36 -29.40
CA PRO C 65 7.07 -6.82 -29.37
C PRO C 65 8.05 -5.89 -28.64
N THR C 66 7.58 -4.80 -28.03
CA THR C 66 8.51 -3.94 -27.29
C THR C 66 9.07 -4.76 -26.13
N THR C 67 10.37 -4.64 -25.88
CA THR C 67 11.05 -5.35 -24.79
C THR C 67 11.22 -4.43 -23.59
N GLY C 68 11.53 -5.01 -22.42
CA GLY C 68 11.87 -4.24 -21.21
C GLY C 68 13.03 -3.32 -21.48
N ALA C 69 14.04 -3.82 -22.18
CA ALA C 69 15.24 -3.04 -22.51
C ALA C 69 14.89 -1.78 -23.28
N GLN C 70 14.00 -1.91 -24.27
CA GLN C 70 13.54 -0.75 -25.08
C GLN C 70 12.72 0.26 -24.27
N LEU C 71 11.86 -0.27 -23.40
CA LEU C 71 11.09 0.56 -22.48
C LEU C 71 12.01 1.42 -21.59
N ALA C 72 13.05 0.81 -21.02
CA ALA C 72 13.96 1.47 -20.09
C ALA C 72 14.76 2.56 -20.81
N GLY C 73 15.15 2.27 -22.06
CA GLY C 73 15.85 3.25 -22.93
C GLY C 73 14.95 4.44 -23.22
N MET C 74 13.67 4.16 -23.42
CA MET C 74 12.64 5.20 -23.60
C MET C 74 12.52 6.12 -22.39
N PHE C 75 12.33 5.53 -21.20
CA PHE C 75 12.23 6.31 -19.95
C PHE C 75 13.50 7.11 -19.70
N GLU C 76 14.65 6.49 -19.96
CA GLU C 76 15.95 7.15 -19.81
C GLU C 76 16.06 8.37 -20.70
N ASN C 77 15.55 8.24 -21.92
CA ASN C 77 15.62 9.32 -22.90
C ASN C 77 14.76 10.51 -22.48
N LEU C 78 13.66 10.27 -21.77
CA LEU C 78 12.71 11.32 -21.38
C LEU C 78 13.08 12.04 -20.09
N ARG C 79 13.97 11.42 -19.32
CA ARG C 79 14.41 11.96 -18.02
C ARG C 79 15.10 13.32 -18.16
N GLY D 2 16.12 18.67 4.60
CA GLY D 2 15.00 18.34 5.53
C GLY D 2 13.81 19.25 5.29
N THR D 3 13.82 20.41 5.93
CA THR D 3 12.68 21.30 5.84
C THR D 3 12.51 21.89 4.43
N ASP D 4 13.62 22.10 3.73
CA ASP D 4 13.56 22.71 2.38
C ASP D 4 12.90 21.74 1.39
N ARG D 5 13.21 20.46 1.50
CA ARG D 5 12.60 19.49 0.62
C ARG D 5 11.11 19.32 0.95
N MET D 6 10.77 19.33 2.24
CA MET D 6 9.37 19.33 2.65
C MET D 6 8.66 20.55 2.07
N ALA D 7 9.24 21.74 2.22
CA ALA D 7 8.57 22.96 1.72
C ALA D 7 8.31 22.85 0.21
N ARG D 8 9.28 22.35 -0.55
CA ARG D 8 9.12 22.20 -2.01
C ARG D 8 7.99 21.23 -2.38
N LEU D 9 7.98 20.07 -1.74
CA LEU D 9 6.96 19.06 -2.02
C LEU D 9 5.57 19.51 -1.55
N LEU D 10 5.50 20.31 -0.50
CA LEU D 10 4.20 20.86 -0.11
C LEU D 10 3.61 21.71 -1.25
N GLY D 11 4.47 22.53 -1.86
CA GLY D 11 4.04 23.36 -2.99
C GLY D 11 3.65 22.49 -4.18
N GLU D 12 4.39 21.40 -4.41
CA GLU D 12 4.08 20.54 -5.56
C GLU D 12 2.84 19.68 -5.33
N LEU D 13 2.69 19.17 -4.11
CA LEU D 13 1.79 18.01 -3.87
C LEU D 13 0.55 18.25 -2.99
N LEU D 14 0.55 19.33 -2.22
CA LEU D 14 -0.56 19.57 -1.29
C LEU D 14 -1.70 20.24 -1.98
N VAL D 15 -2.79 19.48 -2.16
CA VAL D 15 -4.02 19.97 -2.77
C VAL D 15 -4.88 20.80 -1.78
N SER D 16 -5.02 20.31 -0.56
CA SER D 16 -5.83 20.98 0.45
C SER D 16 -5.47 20.44 1.84
N THR D 17 -5.93 21.17 2.86
CA THR D 17 -5.63 20.80 4.24
C THR D 17 -6.93 20.95 5.04
N ASP D 18 -7.02 20.22 6.14
CA ASP D 18 -8.17 20.27 7.01
C ASP D 18 -7.75 19.73 8.35
N ASP D 19 -8.66 19.69 9.33
CA ASP D 19 -8.26 19.23 10.65
C ASP D 19 -9.43 18.71 11.46
N SER D 20 -9.09 17.96 12.53
CA SER D 20 -10.07 17.56 13.54
C SER D 20 -9.27 17.17 14.77
N GLY D 21 -9.49 17.89 15.87
CA GLY D 21 -8.73 17.66 17.11
C GLY D 21 -7.21 17.67 16.95
N ASN D 22 -6.54 16.57 17.32
CA ASN D 22 -5.08 16.48 17.26
C ASN D 22 -4.54 16.13 15.87
N LEU D 23 -5.43 16.07 14.87
CA LEU D 23 -5.01 15.65 13.51
C LEU D 23 -5.13 16.77 12.47
N ALA D 24 -4.09 16.90 11.66
CA ALA D 24 -4.14 17.63 10.40
C ALA D 24 -4.33 16.59 9.32
N VAL D 25 -5.25 16.88 8.40
CA VAL D 25 -5.55 16.01 7.26
C VAL D 25 -5.06 16.72 5.98
N LEU D 26 -4.10 16.10 5.28
CA LEU D 26 -3.55 16.70 4.08
C LEU D 26 -3.98 15.85 2.90
N ARG D 27 -4.39 16.51 1.82
CA ARG D 27 -4.84 15.80 0.63
C ARG D 27 -3.84 16.06 -0.51
N THR D 28 -3.55 15.00 -1.27
CA THR D 28 -2.60 15.03 -2.37
C THR D 28 -3.27 14.46 -3.63
N PRO D 29 -2.60 14.59 -4.78
CA PRO D 29 -3.06 13.86 -5.96
C PRO D 29 -2.97 12.34 -5.69
N PRO D 30 -3.78 11.52 -6.39
CA PRO D 30 -3.72 10.05 -6.16
C PRO D 30 -2.29 9.52 -6.23
N GLY D 31 -1.94 8.71 -5.25
CA GLY D 31 -0.65 8.09 -5.23
C GLY D 31 0.47 8.90 -4.60
N ALA D 32 0.27 10.18 -4.33
CA ALA D 32 1.39 11.05 -3.86
C ALA D 32 1.56 11.11 -2.35
N ALA D 33 0.67 10.49 -1.58
CA ALA D 33 0.63 10.65 -0.12
C ALA D 33 1.89 10.15 0.56
N HIS D 34 2.39 8.97 0.15
CA HIS D 34 3.62 8.42 0.75
C HIS D 34 4.84 9.27 0.50
N TYR D 35 4.92 9.86 -0.69
CA TYR D 35 6.07 10.67 -1.02
C TYR D 35 6.09 12.00 -0.22
N LEU D 36 4.94 12.66 -0.10
CA LEU D 36 4.86 13.89 0.69
C LEU D 36 5.03 13.58 2.19
N ALA D 37 4.41 12.48 2.64
CA ALA D 37 4.59 12.07 4.03
C ALA D 37 6.05 11.78 4.37
N SER D 38 6.78 11.15 3.45
CA SER D 38 8.18 10.86 3.68
C SER D 38 8.93 12.15 3.93
N ALA D 39 8.59 13.19 3.16
CA ALA D 39 9.26 14.49 3.29
C ALA D 39 8.97 15.15 4.63
N ILE D 40 7.71 15.08 5.07
CA ILE D 40 7.35 15.57 6.42
C ILE D 40 8.12 14.80 7.52
N ASP D 41 8.14 13.48 7.43
CA ASP D 41 8.90 12.63 8.39
C ASP D 41 10.38 13.09 8.47
N ARG D 42 11.00 13.23 7.30
CA ARG D 42 12.42 13.61 7.25
C ARG D 42 12.73 15.01 7.81
N ALA D 43 11.74 15.91 7.78
CA ALA D 43 11.86 17.24 8.40
C ALA D 43 11.87 17.17 9.93
N ALA D 44 11.29 16.10 10.48
CA ALA D 44 11.25 15.85 11.93
C ALA D 44 10.90 17.13 12.71
N LEU D 45 9.69 17.63 12.48
CA LEU D 45 9.21 18.83 13.16
C LEU D 45 8.92 18.50 14.62
N PRO D 46 9.42 19.32 15.58
CA PRO D 46 9.13 19.02 16.98
C PRO D 46 7.66 18.94 17.36
N GLN D 47 6.77 19.58 16.60
CA GLN D 47 5.35 19.56 16.90
C GLN D 47 4.54 18.46 16.19
N VAL D 48 5.25 17.60 15.45
CA VAL D 48 4.70 16.43 14.77
C VAL D 48 5.11 15.12 15.48
N VAL D 49 4.13 14.38 16.03
CA VAL D 49 4.42 13.05 16.62
C VAL D 49 4.74 12.02 15.53
N GLY D 50 4.00 12.05 14.44
CA GLY D 50 4.28 11.14 13.34
C GLY D 50 3.24 11.36 12.25
N THR D 51 3.43 10.64 11.15
CA THR D 51 2.47 10.71 10.05
C THR D 51 2.09 9.33 9.63
N ILE D 52 0.90 9.21 9.05
CA ILE D 52 0.54 8.00 8.30
C ILE D 52 -0.09 8.41 6.94
N ALA D 53 0.33 7.74 5.88
CA ALA D 53 -0.14 8.03 4.54
C ALA D 53 -1.00 6.88 4.02
N GLY D 54 -2.08 7.24 3.32
CA GLY D 54 -2.90 6.34 2.52
C GLY D 54 -2.47 6.50 1.07
N ASP D 55 -3.43 6.69 0.18
CA ASP D 55 -3.10 6.86 -1.23
C ASP D 55 -3.07 8.35 -1.60
N ASP D 56 -4.07 9.10 -1.11
CA ASP D 56 -4.27 10.53 -1.46
C ASP D 56 -4.48 11.39 -0.23
N THR D 57 -4.29 10.76 0.93
CA THR D 57 -4.56 11.42 2.22
C THR D 57 -3.41 11.12 3.19
N ILE D 58 -3.04 12.12 3.97
CA ILE D 58 -2.05 11.96 5.05
C ILE D 58 -2.68 12.47 6.33
N LEU D 59 -2.57 11.67 7.39
CA LEU D 59 -2.87 12.12 8.76
C LEU D 59 -1.59 12.51 9.46
N VAL D 60 -1.49 13.77 9.87
CA VAL D 60 -0.36 14.27 10.63
C VAL D 60 -0.83 14.48 12.07
N VAL D 61 -0.19 13.75 12.99
CA VAL D 61 -0.58 13.76 14.41
C VAL D 61 0.23 14.85 15.16
N ALA D 62 -0.49 15.81 15.74
CA ALA D 62 0.10 16.95 16.46
C ALA D 62 0.56 16.57 17.87
N ARG D 63 1.71 17.11 18.27
CA ARG D 63 2.22 16.95 19.66
C ARG D 63 1.57 17.99 20.57
N GLU D 64 0.86 17.53 21.61
CA GLU D 64 0.19 18.42 22.57
C GLU D 64 1.25 19.43 23.06
N PRO D 65 0.90 20.74 23.16
CA PRO D 65 -0.39 21.39 22.98
C PRO D 65 -0.71 21.92 21.56
N THR D 66 0.20 21.74 20.61
CA THR D 66 -0.14 22.07 19.19
C THR D 66 -1.38 21.31 18.76
N THR D 67 -2.29 22.00 18.07
CA THR D 67 -3.52 21.38 17.59
C THR D 67 -3.38 20.94 16.12
N GLY D 68 -4.27 20.09 15.66
CA GLY D 68 -4.35 19.77 14.23
C GLY D 68 -4.60 21.03 13.39
N ALA D 69 -5.48 21.93 13.84
CA ALA D 69 -5.75 23.15 13.06
C ALA D 69 -4.48 23.98 12.92
N GLN D 70 -3.65 24.04 13.96
CA GLN D 70 -2.39 24.79 13.87
C GLN D 70 -1.45 24.21 12.82
N LEU D 71 -1.25 22.89 12.84
CA LEU D 71 -0.44 22.26 11.83
C LEU D 71 -1.05 22.42 10.44
N ALA D 72 -2.37 22.24 10.29
CA ALA D 72 -3.00 22.40 8.96
C ALA D 72 -2.73 23.78 8.34
N GLY D 73 -2.87 24.84 9.14
CA GLY D 73 -2.60 26.20 8.69
C GLY D 73 -1.13 26.44 8.37
N MET D 74 -0.22 25.86 9.14
CA MET D 74 1.21 25.90 8.77
C MET D 74 1.43 25.26 7.40
N PHE D 75 0.97 24.01 7.23
CA PHE D 75 1.08 23.32 5.93
C PHE D 75 0.43 24.11 4.80
N GLU D 76 -0.79 24.58 5.03
CA GLU D 76 -1.56 25.29 3.99
C GLU D 76 -0.77 26.46 3.43
N ASN D 77 -0.13 27.18 4.34
CA ASN D 77 0.53 28.42 3.96
C ASN D 77 1.92 28.19 3.39
N LEU D 78 2.35 26.93 3.44
CA LEU D 78 3.56 26.52 2.75
C LEU D 78 3.38 26.18 1.28
N ARG D 79 2.13 26.04 0.84
CA ARG D 79 1.86 25.71 -0.57
C ARG D 79 2.33 26.83 -1.50
N GLY E 1 -24.07 10.09 -8.05
CA GLY E 1 -24.69 9.22 -6.99
C GLY E 1 -23.64 8.56 -6.11
N GLY E 2 -22.87 9.41 -5.43
CA GLY E 2 -21.81 8.92 -4.52
C GLY E 2 -22.37 8.19 -3.32
N THR E 3 -23.47 8.71 -2.78
CA THR E 3 -24.08 8.15 -1.58
C THR E 3 -24.67 6.76 -1.83
N ASP E 4 -25.32 6.58 -2.98
CA ASP E 4 -25.89 5.28 -3.33
C ASP E 4 -24.79 4.22 -3.49
N ARG E 5 -23.72 4.54 -4.23
CA ARG E 5 -22.57 3.63 -4.35
C ARG E 5 -21.91 3.29 -3.00
N MET E 6 -21.73 4.30 -2.15
CA MET E 6 -21.21 4.08 -0.79
C MET E 6 -22.13 3.17 -0.01
N ALA E 7 -23.42 3.48 -0.01
CA ALA E 7 -24.44 2.63 0.63
C ALA E 7 -24.31 1.18 0.20
N ARG E 8 -24.24 0.92 -1.10
CA ARG E 8 -24.17 -0.47 -1.50
C ARG E 8 -22.84 -1.16 -1.15
N LEU E 9 -21.72 -0.43 -1.25
CA LEU E 9 -20.42 -1.01 -0.88
C LEU E 9 -20.31 -1.26 0.62
N LEU E 10 -20.92 -0.40 1.44
CA LEU E 10 -21.03 -0.64 2.90
C LEU E 10 -21.76 -1.93 3.18
N GLY E 11 -22.83 -2.17 2.44
CA GLY E 11 -23.55 -3.45 2.52
C GLY E 11 -22.70 -4.66 2.20
N GLU E 12 -21.84 -4.52 1.21
CA GLU E 12 -21.02 -5.61 0.73
C GLU E 12 -19.77 -5.82 1.58
N LEU E 13 -19.20 -4.72 2.09
CA LEU E 13 -17.84 -4.76 2.63
C LEU E 13 -17.66 -4.39 4.10
N LEU E 14 -18.68 -3.85 4.74
CA LEU E 14 -18.51 -3.39 6.10
C LEU E 14 -18.77 -4.53 7.10
N VAL E 15 -17.73 -4.99 7.77
CA VAL E 15 -17.83 -6.11 8.73
C VAL E 15 -18.35 -5.61 10.09
N SER E 16 -17.68 -4.59 10.62
CA SER E 16 -18.08 -3.95 11.88
C SER E 16 -17.61 -2.52 11.95
N THR E 17 -18.13 -1.80 12.94
CA THR E 17 -17.77 -0.41 13.22
C THR E 17 -17.49 -0.24 14.70
N ASP E 18 -16.66 0.74 15.00
CA ASP E 18 -16.34 1.08 16.37
C ASP E 18 -15.83 2.52 16.37
N ASP E 19 -15.50 3.04 17.54
CA ASP E 19 -15.12 4.46 17.61
C ASP E 19 -14.31 4.78 18.83
N SER E 20 -13.71 5.96 18.78
CA SER E 20 -13.03 6.58 19.91
C SER E 20 -12.85 8.05 19.57
N GLY E 21 -13.40 8.92 20.41
CA GLY E 21 -13.23 10.37 20.24
C GLY E 21 -13.73 10.81 18.88
N ASN E 22 -12.85 11.47 18.11
CA ASN E 22 -13.17 11.98 16.78
C ASN E 22 -13.03 10.95 15.63
N LEU E 23 -12.83 9.68 15.99
CA LEU E 23 -12.53 8.60 15.03
C LEU E 23 -13.59 7.51 14.95
N ALA E 24 -14.02 7.18 13.72
CA ALA E 24 -14.77 5.95 13.47
C ALA E 24 -13.81 4.93 12.87
N VAL E 25 -13.88 3.70 13.36
CA VAL E 25 -12.98 2.62 12.91
C VAL E 25 -13.85 1.58 12.19
N LEU E 26 -13.61 1.41 10.90
CA LEU E 26 -14.43 0.53 10.07
C LEU E 26 -13.59 -0.69 9.73
N ARG E 27 -14.16 -1.89 9.85
CA ARG E 27 -13.42 -3.10 9.50
C ARG E 27 -14.02 -3.68 8.25
N THR E 28 -13.16 -4.23 7.40
CA THR E 28 -13.59 -4.81 6.15
C THR E 28 -12.87 -6.17 5.99
N PRO E 29 -13.25 -6.96 4.96
CA PRO E 29 -12.45 -8.16 4.69
C PRO E 29 -11.01 -7.81 4.29
N PRO E 30 -10.05 -8.74 4.46
CA PRO E 30 -8.67 -8.43 4.05
C PRO E 30 -8.58 -7.88 2.63
N GLY E 31 -7.88 -6.75 2.51
CA GLY E 31 -7.60 -6.14 1.21
C GLY E 31 -8.67 -5.19 0.73
N ALA E 32 -9.83 -5.13 1.38
CA ALA E 32 -10.96 -4.35 0.87
C ALA E 32 -11.03 -2.90 1.37
N ALA E 33 -10.16 -2.56 2.32
CA ALA E 33 -10.26 -1.25 2.98
C ALA E 33 -10.09 -0.11 1.99
N HIS E 34 -9.17 -0.23 1.02
CA HIS E 34 -8.97 0.86 0.05
C HIS E 34 -10.17 1.13 -0.86
N TYR E 35 -10.86 0.06 -1.27
CA TYR E 35 -12.00 0.19 -2.18
C TYR E 35 -13.23 0.83 -1.49
N LEU E 36 -13.50 0.40 -0.26
CA LEU E 36 -14.57 1.02 0.50
C LEU E 36 -14.25 2.48 0.89
N ALA E 37 -13.01 2.75 1.31
CA ALA E 37 -12.57 4.14 1.61
C ALA E 37 -12.73 5.07 0.41
N SER E 38 -12.41 4.57 -0.77
CA SER E 38 -12.59 5.37 -2.01
C SER E 38 -14.06 5.80 -2.21
N ALA E 39 -14.98 4.88 -1.96
CA ALA E 39 -16.42 5.16 -2.02
C ALA E 39 -16.85 6.18 -0.98
N ILE E 40 -16.34 6.06 0.25
CA ILE E 40 -16.61 7.03 1.30
C ILE E 40 -16.06 8.39 0.90
N ASP E 41 -14.81 8.43 0.42
CA ASP E 41 -14.24 9.70 -0.06
C ASP E 41 -15.12 10.36 -1.14
N ARG E 42 -15.58 9.56 -2.09
CA ARG E 42 -16.36 10.05 -3.24
C ARG E 42 -17.76 10.56 -2.84
N ALA E 43 -18.36 9.97 -1.80
CA ALA E 43 -19.63 10.48 -1.24
C ALA E 43 -19.49 11.90 -0.68
N ALA E 44 -18.29 12.26 -0.27
CA ALA E 44 -17.96 13.61 0.17
C ALA E 44 -18.89 14.11 1.27
N LEU E 45 -19.04 13.32 2.33
CA LEU E 45 -19.93 13.66 3.45
C LEU E 45 -19.44 14.88 4.20
N PRO E 46 -20.36 15.84 4.47
CA PRO E 46 -19.95 16.98 5.30
C PRO E 46 -19.39 16.59 6.67
N GLN E 47 -19.86 15.46 7.23
CA GLN E 47 -19.45 15.08 8.57
C GLN E 47 -18.08 14.35 8.61
N VAL E 48 -17.51 14.12 7.42
CA VAL E 48 -16.22 13.43 7.29
C VAL E 48 -15.12 14.38 6.81
N VAL E 49 -14.03 14.48 7.56
CA VAL E 49 -12.90 15.29 7.14
C VAL E 49 -12.03 14.53 6.11
N GLY E 50 -11.76 13.25 6.38
CA GLY E 50 -11.07 12.40 5.42
C GLY E 50 -10.94 10.96 5.96
N THR E 51 -10.35 10.09 5.15
CA THR E 51 -10.19 8.67 5.52
C THR E 51 -8.75 8.24 5.25
N ILE E 52 -8.23 7.30 6.04
CA ILE E 52 -7.04 6.55 5.65
C ILE E 52 -7.44 5.07 5.61
N ALA E 53 -7.17 4.42 4.49
CA ALA E 53 -7.35 2.97 4.39
C ALA E 53 -6.06 2.20 4.70
N GLY E 54 -6.17 1.21 5.56
CA GLY E 54 -5.08 0.21 5.71
C GLY E 54 -5.46 -0.99 4.85
N ASP E 55 -5.43 -2.18 5.42
CA ASP E 55 -5.69 -3.37 4.64
C ASP E 55 -7.07 -3.90 4.96
N ASP E 56 -7.42 -3.96 6.25
CA ASP E 56 -8.72 -4.45 6.67
C ASP E 56 -9.43 -3.47 7.59
N THR E 57 -8.90 -2.25 7.67
CA THR E 57 -9.36 -1.21 8.59
C THR E 57 -9.32 0.13 7.89
N ILE E 58 -10.36 0.94 8.09
CA ILE E 58 -10.35 2.32 7.61
C ILE E 58 -10.52 3.22 8.82
N LEU E 59 -9.69 4.26 8.94
CA LEU E 59 -9.91 5.29 9.97
C LEU E 59 -10.66 6.44 9.29
N VAL E 60 -11.82 6.79 9.84
CA VAL E 60 -12.64 7.89 9.29
C VAL E 60 -12.62 9.02 10.32
N VAL E 61 -12.09 10.17 9.92
CA VAL E 61 -11.95 11.30 10.81
C VAL E 61 -13.23 12.18 10.75
N ALA E 62 -13.89 12.32 11.91
CA ALA E 62 -15.15 13.08 11.97
C ALA E 62 -14.91 14.57 12.00
N ARG E 63 -15.78 15.32 11.32
CA ARG E 63 -15.73 16.78 11.36
C ARG E 63 -16.51 17.23 12.60
N GLU E 64 -15.84 17.96 13.48
CA GLU E 64 -16.51 18.53 14.65
C GLU E 64 -17.73 19.35 14.20
N PRO E 65 -18.84 19.29 14.95
CA PRO E 65 -18.98 18.64 16.27
C PRO E 65 -19.40 17.17 16.24
N THR E 66 -19.44 16.56 15.05
CA THR E 66 -19.77 15.14 14.93
C THR E 66 -18.69 14.32 15.66
N THR E 67 -19.09 13.30 16.43
CA THR E 67 -18.14 12.44 17.12
C THR E 67 -17.88 11.15 16.30
N GLY E 68 -16.83 10.41 16.61
CA GLY E 68 -16.63 9.06 16.04
C GLY E 68 -17.84 8.14 16.20
N ALA E 69 -18.44 8.12 17.40
CA ALA E 69 -19.56 7.24 17.69
C ALA E 69 -20.72 7.57 16.80
N GLN E 70 -20.94 8.87 16.58
CA GLN E 70 -21.99 9.32 15.69
C GLN E 70 -21.75 8.89 14.24
N LEU E 71 -20.51 9.05 13.76
CA LEU E 71 -20.17 8.55 12.42
C LEU E 71 -20.34 7.04 12.31
N ALA E 72 -19.79 6.32 13.28
CA ALA E 72 -19.90 4.85 13.31
C ALA E 72 -21.35 4.38 13.23
N GLY E 73 -22.24 5.03 13.99
CA GLY E 73 -23.67 4.71 13.94
C GLY E 73 -24.31 4.92 12.59
N MET E 74 -24.00 6.05 11.95
CA MET E 74 -24.44 6.30 10.58
C MET E 74 -23.99 5.23 9.57
N PHE E 75 -22.72 4.83 9.62
CA PHE E 75 -22.20 3.79 8.72
C PHE E 75 -22.87 2.45 8.99
N GLU E 76 -23.02 2.14 10.29
CA GLU E 76 -23.62 0.90 10.76
C GLU E 76 -25.03 0.68 10.21
N ASN E 77 -25.81 1.77 10.12
CA ASN E 77 -27.19 1.76 9.62
C ASN E 77 -27.34 1.79 8.10
N LEU E 78 -26.45 2.51 7.40
CA LEU E 78 -26.44 2.53 5.92
C LEU E 78 -26.12 1.16 5.36
N ARG E 79 -25.31 0.41 6.10
CA ARG E 79 -24.87 -0.94 5.77
C ARG E 79 -25.86 -1.74 4.90
N ASP F 4 3.04 -15.25 14.44
CA ASP F 4 3.97 -14.70 15.47
C ASP F 4 3.28 -13.65 16.34
N ARG F 5 3.63 -13.70 17.61
CA ARG F 5 2.88 -13.04 18.64
C ARG F 5 3.40 -11.65 18.84
N MET F 6 2.46 -10.73 19.09
CA MET F 6 2.77 -9.34 19.37
C MET F 6 3.87 -9.24 20.41
N ALA F 7 3.77 -10.03 21.49
CA ALA F 7 4.70 -9.96 22.61
C ALA F 7 6.13 -10.30 22.24
N ARG F 8 6.31 -11.06 21.15
CA ARG F 8 7.64 -11.34 20.62
C ARG F 8 8.04 -10.33 19.55
N LEU F 9 7.09 -9.94 18.70
CA LEU F 9 7.42 -9.03 17.59
C LEU F 9 7.68 -7.59 18.01
N LEU F 10 7.14 -7.16 19.16
CA LEU F 10 7.42 -5.80 19.64
C LEU F 10 8.93 -5.51 19.80
N GLY F 11 9.66 -6.47 20.35
CA GLY F 11 11.11 -6.42 20.46
C GLY F 11 11.86 -6.43 19.14
N GLU F 12 11.25 -6.99 18.09
CA GLU F 12 11.97 -7.06 16.83
C GLU F 12 11.68 -5.80 15.98
N LEU F 13 10.49 -5.25 16.13
CA LEU F 13 9.95 -4.32 15.10
C LEU F 13 9.70 -2.91 15.61
N LEU F 14 9.74 -2.71 16.92
CA LEU F 14 9.43 -1.39 17.45
C LEU F 14 10.68 -0.52 17.51
N VAL F 15 10.68 0.52 16.68
CA VAL F 15 11.66 1.57 16.68
C VAL F 15 11.41 2.58 17.81
N SER F 16 10.16 3.02 17.95
CA SER F 16 9.78 4.04 18.95
C SER F 16 8.27 4.00 19.19
N THR F 17 7.85 4.57 20.33
CA THR F 17 6.45 4.72 20.68
C THR F 17 6.24 6.16 21.13
N ASP F 18 5.05 6.68 20.87
CA ASP F 18 4.66 8.03 21.30
C ASP F 18 3.12 8.11 21.31
N ASP F 19 2.57 9.27 21.65
CA ASP F 19 1.12 9.36 21.75
C ASP F 19 0.62 10.77 21.53
N SER F 20 -0.66 10.85 21.22
CA SER F 20 -1.38 12.11 21.23
C SER F 20 -2.84 11.80 21.39
N GLY F 21 -3.44 12.37 22.46
CA GLY F 21 -4.82 12.11 22.77
C GLY F 21 -5.12 10.62 22.83
N ASN F 22 -6.10 10.17 22.06
CA ASN F 22 -6.53 8.75 22.02
C ASN F 22 -5.73 7.81 21.09
N LEU F 23 -4.58 8.28 20.60
CA LEU F 23 -3.75 7.53 19.67
C LEU F 23 -2.38 7.22 20.24
N ALA F 24 -1.97 5.95 20.14
CA ALA F 24 -0.59 5.52 20.27
C ALA F 24 0.01 5.55 18.85
N VAL F 25 1.20 6.16 18.70
CA VAL F 25 1.87 6.24 17.40
C VAL F 25 3.11 5.37 17.51
N LEU F 26 3.10 4.22 16.83
CA LEU F 26 4.25 3.31 16.82
C LEU F 26 5.08 3.49 15.55
N ARG F 27 6.41 3.50 15.67
CA ARG F 27 7.28 3.48 14.50
C ARG F 27 8.02 2.14 14.37
N THR F 28 8.21 1.69 13.12
CA THR F 28 8.87 0.42 12.83
C THR F 28 9.99 0.69 11.79
N PRO F 29 10.84 -0.31 11.52
CA PRO F 29 11.72 -0.12 10.35
C PRO F 29 10.93 -0.04 9.05
N PRO F 30 11.53 0.52 8.00
CA PRO F 30 10.80 0.69 6.73
C PRO F 30 10.16 -0.60 6.27
N GLY F 31 8.88 -0.53 5.95
CA GLY F 31 8.16 -1.66 5.39
C GLY F 31 7.53 -2.57 6.43
N ALA F 32 7.88 -2.40 7.71
CA ALA F 32 7.43 -3.36 8.75
C ALA F 32 6.09 -3.04 9.43
N ALA F 33 5.50 -1.89 9.14
CA ALA F 33 4.30 -1.47 9.90
C ALA F 33 3.12 -2.45 9.80
N HIS F 34 2.85 -2.98 8.61
CA HIS F 34 1.71 -3.87 8.47
C HIS F 34 1.92 -5.16 9.23
N TYR F 35 3.15 -5.63 9.28
CA TYR F 35 3.45 -6.90 9.92
C TYR F 35 3.26 -6.77 11.43
N LEU F 36 3.80 -5.71 12.00
CA LEU F 36 3.60 -5.51 13.45
C LEU F 36 2.14 -5.24 13.76
N ALA F 37 1.49 -4.40 12.95
CA ALA F 37 0.07 -4.12 13.18
C ALA F 37 -0.87 -5.38 13.10
N SER F 38 -0.56 -6.28 12.16
CA SER F 38 -1.23 -7.57 12.11
C SER F 38 -1.13 -8.29 13.49
N ALA F 39 0.07 -8.33 14.06
CA ALA F 39 0.30 -8.99 15.39
C ALA F 39 -0.53 -8.30 16.50
N ILE F 40 -0.55 -6.97 16.49
CA ILE F 40 -1.41 -6.22 17.42
C ILE F 40 -2.91 -6.54 17.26
N ASP F 41 -3.40 -6.49 16.03
CA ASP F 41 -4.78 -6.88 15.75
C ASP F 41 -5.07 -8.28 16.30
N ARG F 42 -4.20 -9.23 15.98
CA ARG F 42 -4.37 -10.63 16.44
C ARG F 42 -4.34 -10.79 17.98
N ALA F 43 -3.69 -9.85 18.67
CA ALA F 43 -3.63 -9.86 20.14
C ALA F 43 -4.99 -9.61 20.79
N ALA F 44 -5.89 -9.03 20.01
CA ALA F 44 -7.27 -8.68 20.44
C ALA F 44 -7.34 -8.02 21.81
N LEU F 45 -6.56 -6.95 21.99
CA LEU F 45 -6.48 -6.26 23.28
C LEU F 45 -7.78 -5.53 23.57
N PRO F 46 -8.33 -5.73 24.80
CA PRO F 46 -9.58 -5.04 25.12
C PRO F 46 -9.49 -3.51 25.01
N GLN F 47 -8.32 -2.94 25.26
CA GLN F 47 -8.16 -1.48 25.24
C GLN F 47 -7.84 -0.88 23.85
N VAL F 48 -7.76 -1.73 22.82
CA VAL F 48 -7.48 -1.28 21.43
C VAL F 48 -8.72 -1.40 20.57
N VAL F 49 -9.12 -0.29 19.96
CA VAL F 49 -10.29 -0.29 19.11
C VAL F 49 -9.84 -0.86 17.75
N GLY F 50 -8.65 -0.45 17.32
CA GLY F 50 -8.14 -0.89 16.00
C GLY F 50 -6.80 -0.28 15.65
N THR F 51 -6.22 -0.74 14.54
CA THR F 51 -4.96 -0.22 14.05
C THR F 51 -5.04 0.07 12.56
N ILE F 52 -4.29 1.06 12.11
CA ILE F 52 -4.05 1.26 10.68
C ILE F 52 -2.54 1.40 10.49
N ALA F 53 -1.99 0.66 9.51
CA ALA F 53 -0.57 0.69 9.22
C ALA F 53 -0.27 1.46 7.93
N GLY F 54 0.81 2.24 7.94
CA GLY F 54 1.33 2.86 6.72
C GLY F 54 2.55 2.08 6.33
N ASP F 55 3.69 2.73 6.14
CA ASP F 55 4.92 1.99 5.79
C ASP F 55 5.84 1.74 6.99
N ASP F 56 6.00 2.75 7.85
CA ASP F 56 6.90 2.66 8.99
C ASP F 56 6.21 3.20 10.24
N THR F 57 4.91 3.46 10.15
CA THR F 57 4.12 4.05 11.23
C THR F 57 2.79 3.31 11.38
N ILE F 58 2.41 3.00 12.62
CA ILE F 58 1.11 2.47 12.95
C ILE F 58 0.39 3.44 13.88
N LEU F 59 -0.89 3.68 13.61
CA LEU F 59 -1.74 4.40 14.56
C LEU F 59 -2.58 3.36 15.26
N VAL F 60 -2.46 3.30 16.59
CA VAL F 60 -3.30 2.39 17.36
C VAL F 60 -4.32 3.23 18.14
N VAL F 61 -5.61 2.96 17.95
CA VAL F 61 -6.69 3.74 18.51
C VAL F 61 -7.09 3.17 19.90
N ALA F 62 -7.07 4.02 20.94
CA ALA F 62 -7.38 3.60 22.30
C ALA F 62 -8.88 3.63 22.56
N ARG F 63 -9.36 2.62 23.29
CA ARG F 63 -10.77 2.53 23.64
C ARG F 63 -10.96 3.36 24.90
N GLU F 64 -11.91 4.30 24.85
CA GLU F 64 -12.23 5.14 25.99
C GLU F 64 -12.54 4.23 27.19
N PRO F 65 -12.07 4.59 28.39
CA PRO F 65 -11.29 5.80 28.73
C PRO F 65 -9.76 5.65 28.67
N THR F 66 -9.26 4.51 28.15
CA THR F 66 -7.81 4.34 27.99
C THR F 66 -7.31 5.44 27.08
N THR F 67 -6.17 6.04 27.42
CA THR F 67 -5.58 7.11 26.60
C THR F 67 -4.52 6.54 25.67
N GLY F 68 -4.12 7.31 24.64
CA GLY F 68 -2.95 6.97 23.83
C GLY F 68 -1.66 6.80 24.64
N ALA F 69 -1.46 7.63 25.65
CA ALA F 69 -0.22 7.52 26.46
C ALA F 69 -0.14 6.21 27.22
N GLN F 70 -1.27 5.75 27.74
CA GLN F 70 -1.38 4.46 28.47
C GLN F 70 -1.01 3.32 27.53
N LEU F 71 -1.58 3.34 26.32
CA LEU F 71 -1.25 2.32 25.31
C LEU F 71 0.21 2.34 24.90
N ALA F 72 0.77 3.53 24.63
CA ALA F 72 2.15 3.68 24.17
C ALA F 72 3.09 3.17 25.26
N GLY F 73 2.71 3.42 26.51
CA GLY F 73 3.48 2.95 27.66
C GLY F 73 3.55 1.43 27.68
N MET F 74 2.43 0.79 27.44
CA MET F 74 2.37 -0.67 27.39
C MET F 74 3.23 -1.24 26.27
N PHE F 75 3.14 -0.66 25.08
CA PHE F 75 3.95 -1.13 23.97
C PHE F 75 5.42 -0.95 24.24
N GLU F 76 5.79 0.19 24.81
CA GLU F 76 7.16 0.46 25.18
C GLU F 76 7.66 -0.55 26.22
N ASN F 77 6.86 -0.74 27.26
CA ASN F 77 7.23 -1.64 28.35
C ASN F 77 7.42 -3.09 27.91
N LEU F 78 6.64 -3.53 26.92
CA LEU F 78 6.75 -4.92 26.45
C LEU F 78 7.77 -5.13 25.33
N ARG F 79 8.44 -4.06 24.89
CA ARG F 79 9.54 -4.20 23.93
C ARG F 79 10.72 -5.06 24.46
N ARG G . 11.33 -2.70 -3.74
CA ARG G . 10.11 -3.26 -3.03
C ARG G . 8.88 -2.44 -3.38
O ARG G . 9.03 -1.26 -3.76
CB ARG G . 10.29 -3.24 -1.53
CG ARG G . 10.39 -1.86 -0.90
CD ARG G . 10.63 -2.05 0.58
NE ARG G . 10.71 -0.84 1.38
CZ ARG G . 9.67 -0.22 1.96
NH1 ARG G . 9.89 0.83 2.74
NH2 ARG G . 8.43 -0.61 1.76
OXT ARG G . 7.75 -2.94 -3.27
N ARG H . 2.70 -4.22 0.84
N ARG H . -4.32 -1.13 0.99
CA ARG H . 2.75 -3.82 2.28
CA ARG H . -5.01 -2.29 0.35
C ARG H . 3.37 -4.89 3.18
C ARG H . -6.52 -2.22 0.52
O ARG H . 3.55 -6.04 2.79
O ARG H . -7.26 -2.35 -0.43
CB ARG H . 1.37 -3.40 2.79
CB ARG H . -4.52 -3.61 0.97
CG ARG H . 0.27 -4.44 2.69
CG ARG H . -3.02 -3.78 1.02
CD ARG H . -0.42 -4.43 1.34
CD ARG H . -2.42 -3.25 2.29
NE ARG H . -1.85 -4.28 1.48
NE ARG H . -1.23 -4.04 2.62
CZ ARG H . -2.46 -3.11 1.67
CZ ARG H . 0.02 -3.67 2.38
NH1 ARG H . -1.76 -1.99 1.73
NH1 ARG H . 1.00 -4.49 2.71
NH2 ARG H . -3.78 -3.10 1.80
NH2 ARG H . 0.28 -2.48 1.83
OXT ARG H . 3.70 -4.60 4.33
OXT ARG H . -7.05 -2.03 1.60
N ARG I . -1.00 -11.74 -3.31
CA ARG I . -1.39 -10.31 -3.53
C ARG I . -0.37 -9.38 -2.94
O ARG I . 0.37 -9.79 -2.02
CB ARG I . -2.76 -10.02 -2.93
CG ARG I . -2.82 -10.04 -1.38
CD ARG I . -4.26 -9.87 -0.97
NE ARG I . -4.48 -9.85 0.48
CZ ARG I . -4.50 -8.77 1.25
NH1 ARG I . -4.21 -7.57 0.75
NH2 ARG I . -4.80 -8.89 2.55
OXT ARG I . -0.29 -8.22 -3.36
N ARG J . -2.89 -1.88 -3.03
N ARG J . 0.01 4.73 -0.26
CA ARG J . -4.15 -1.33 -2.47
CA ARG J . 0.58 4.91 -1.61
C ARG J . -5.39 -2.03 -3.01
C ARG J . 1.10 6.34 -1.83
O ARG J . -6.36 -2.24 -2.28
O ARG J . 0.52 7.33 -1.40
CB ARG J . -4.28 0.18 -2.73
CB ARG J . -0.46 4.54 -2.68
CG ARG J . -2.97 0.95 -2.69
CG ARG J . -1.42 3.43 -2.23
CD ARG J . -3.13 2.23 -1.89
CD ARG J . -1.75 2.47 -3.35
NE ARG J . -2.27 3.32 -2.36
NE ARG J . -3.10 1.90 -3.24
CZ ARG J . -0.99 3.49 -2.04
CZ ARG J . -3.41 0.75 -2.66
NH1 ARG J . -0.38 2.64 -1.21
NH1 ARG J . -2.47 0.00 -2.07
NH2 ARG J . -0.33 4.53 -2.53
NH2 ARG J . -4.67 0.35 -2.64
OXT ARG J . -5.48 -2.42 -4.17
OXT ARG J . 2.15 6.56 -2.45
N ARG K . -1.00 0.89 -11.83
CA ARG K . -0.08 1.05 -10.66
C ARG K . -0.52 0.21 -9.46
O ARG K . -1.67 -0.24 -9.40
CB ARG K . -0.07 2.50 -10.22
CG ARG K . -1.41 3.01 -9.64
CD ARG K . -1.24 4.45 -9.29
NE ARG K . -2.42 5.14 -8.71
CZ ARG K . -2.64 5.34 -7.41
NH1 ARG K . -3.71 6.02 -7.04
NH2 ARG K . -1.85 4.82 -6.48
OXT ARG K . 0.30 -0.03 -8.54
N ARG L . 2.93 2.04 -2.43
N ARG L . 2.16 -0.73 4.44
CA ARG L . 3.36 3.45 -2.17
CA ARG L . 2.98 -1.96 4.32
C ARG L . 4.25 3.96 -3.28
C ARG L . 3.61 -2.38 5.62
O ARG L . 4.08 3.60 -4.42
O ARG L . 4.13 -1.61 6.40
CB ARG L . 4.04 3.59 -0.80
CB ARG L . 4.08 -1.82 3.26
CG ARG L . 4.39 2.29 -0.07
CG ARG L . 4.49 -0.42 2.96
CD ARG L . 3.25 1.83 0.81
CD ARG L . 3.67 0.12 1.84
NE ARG L . 3.68 0.93 1.88
NE ARG L . 4.38 1.10 1.05
CZ ARG L . 2.87 0.11 2.53
CZ ARG L . 3.83 1.78 0.06
NH1 ARG L . 1.57 0.08 2.23
NH1 ARG L . 2.54 1.59 -0.25
NH2 ARG L . 3.34 -0.67 3.49
NH2 ARG L . 4.55 2.66 -0.62
OXT ARG L . 5.18 4.74 -3.11
OXT ARG L . 3.59 -3.56 5.92
N ARG M . 5.18 7.60 8.09
CA ARG M . 4.24 7.46 6.93
C ARG M . 3.67 6.06 6.87
O ARG M . 4.27 5.13 7.43
CB ARG M . 4.94 7.79 5.61
CG ARG M . 6.04 6.82 5.20
CD ARG M . 6.75 7.29 3.92
NE ARG M . 7.90 6.47 3.52
CZ ARG M . 7.83 5.45 2.68
NH1 ARG M . 6.67 5.06 2.21
NH2 ARG M . 8.93 4.78 2.34
OXT ARG M . 2.64 5.84 6.22
N ARG N . -8.36 8.44 1.38
CA ARG N . -8.05 6.99 1.60
C ARG N . -6.55 6.81 1.63
O ARG N . -5.78 7.68 1.15
CB ARG N . -8.67 6.10 0.52
CG ARG N . -8.00 6.19 -0.89
CD ARG N . -8.79 5.35 -1.85
NE ARG N . -8.34 5.43 -3.24
CZ ARG N . -7.41 4.67 -3.81
NH1 ARG N . -6.69 3.79 -3.11
NH2 ARG N . -7.16 4.82 -5.11
OXT ARG N . -6.09 5.80 2.18
N ARG O . -5.41 -3.27 10.79
CA ARG O . -4.17 -2.77 10.11
C ARG O . -4.48 -2.13 8.76
O ARG O . -5.56 -2.34 8.19
CB ARG O . -3.13 -3.90 9.92
CG ARG O . -3.54 -4.99 8.88
CD ARG O . -2.48 -6.03 8.85
NE ARG O . -2.71 -7.17 7.95
CZ ARG O . -2.33 -7.22 6.66
NH1 ARG O . -1.74 -6.18 6.07
NH2 ARG O . -2.53 -8.34 5.96
OXT ARG O . -3.63 -1.41 8.20
#